data_1KME
#
_entry.id   1KME
#
_cell.length_a   45.000
_cell.length_b   108.900
_cell.length_c   55.900
_cell.angle_alpha   90.00
_cell.angle_beta   113.58
_cell.angle_gamma   90.00
#
_symmetry.space_group_name_H-M   'P 1 21 1'
#
loop_
_entity.id
_entity.type
_entity.pdbx_description
1 polymer Bacteriorhodopsin
2 non-polymer RETINAL
3 non-polymer 2,10,23-TRIMETHYL-TETRACOSANE
4 non-polymer beta-D-glucopyranose
5 water water
#
_entity_poly.entity_id   1
_entity_poly.type   'polypeptide(L)'
_entity_poly.pdbx_seq_one_letter_code
;QAQITGRPEWIWLALGTALMGLGTLYFLVKGMGVSDPDAKKFYAITTLVPAIAFTMYLSMLLGYGLTMVPFGGEQNPIYW
ARYADWLFTTPLLLLDLALLVDADQGTILALVGADGIMIGTGLVGALTKVYSYRFVWWAISTAAMLYILYVLFFGFTSKA
ESMRPEVASTFKVLRNVTVVLWSAYPVVWLIGSEGAGIVPLNIETLLFMVLDVSAKVGFGLILLRSRAIFG
;
_entity_poly.pdbx_strand_id   A,B
#
# COMPACT_ATOMS: atom_id res chain seq x y z
N THR A 5 14.11 13.77 -5.41
CA THR A 5 14.57 14.92 -4.59
C THR A 5 15.17 14.45 -3.26
N GLY A 6 15.12 13.13 -3.05
CA GLY A 6 15.66 12.53 -1.84
C GLY A 6 15.54 13.29 -0.53
N ARG A 7 14.31 13.61 -0.11
CA ARG A 7 14.11 14.31 1.16
C ARG A 7 14.39 13.31 2.29
N PRO A 8 14.99 13.77 3.39
CA PRO A 8 15.33 12.91 4.54
C PRO A 8 14.23 11.98 5.03
N GLU A 9 12.98 12.43 4.96
CA GLU A 9 11.84 11.64 5.44
C GLU A 9 11.30 10.55 4.50
N TRP A 10 11.82 10.44 3.29
CA TRP A 10 11.26 9.45 2.37
C TRP A 10 11.29 8.00 2.84
N ILE A 11 12.30 7.63 3.61
CA ILE A 11 12.41 6.25 4.07
C ILE A 11 11.21 5.87 4.94
N TRP A 12 10.71 6.83 5.72
CA TRP A 12 9.56 6.56 6.58
C TRP A 12 8.27 6.54 5.73
N LEU A 13 8.22 7.32 4.66
CA LEU A 13 7.06 7.33 3.78
C LEU A 13 7.01 6.00 3.04
N ALA A 14 8.20 5.48 2.71
CA ALA A 14 8.33 4.21 1.99
C ALA A 14 7.96 3.03 2.88
N LEU A 15 8.32 3.13 4.16
CA LEU A 15 8.02 2.08 5.12
C LEU A 15 6.53 2.11 5.47
N GLY A 16 5.95 3.31 5.52
CA GLY A 16 4.53 3.41 5.81
C GLY A 16 3.74 2.88 4.63
N THR A 17 4.28 3.10 3.43
CA THR A 17 3.61 2.63 2.21
C THR A 17 3.55 1.12 2.25
N ALA A 18 4.69 0.49 2.51
CA ALA A 18 4.77 -0.96 2.57
C ALA A 18 3.88 -1.59 3.63
N LEU A 19 3.85 -1.03 4.83
CA LEU A 19 3.04 -1.63 5.89
C LEU A 19 1.55 -1.44 5.66
N MET A 20 1.18 -0.29 5.13
CA MET A 20 -0.23 -0.01 4.85
C MET A 20 -0.71 -0.94 3.74
N GLY A 21 0.16 -1.18 2.78
CA GLY A 21 -0.16 -2.06 1.67
C GLY A 21 -0.27 -3.51 2.12
N LEU A 22 0.71 -3.99 2.87
CA LEU A 22 0.67 -5.37 3.36
C LEU A 22 -0.59 -5.58 4.17
N GLY A 23 -0.84 -4.64 5.09
CA GLY A 23 -2.01 -4.73 5.94
C GLY A 23 -3.29 -4.82 5.12
N THR A 24 -3.44 -3.93 4.15
CA THR A 24 -4.62 -3.92 3.29
C THR A 24 -4.82 -5.29 2.62
N LEU A 25 -3.80 -5.77 1.92
CA LEU A 25 -3.91 -7.03 1.22
C LEU A 25 -4.35 -8.17 2.13
N TYR A 26 -3.68 -8.31 3.27
CA TYR A 26 -4.00 -9.36 4.23
C TYR A 26 -5.47 -9.28 4.68
N PHE A 27 -5.95 -8.07 4.99
CA PHE A 27 -7.33 -7.89 5.43
C PHE A 27 -8.27 -8.23 4.28
N LEU A 28 -7.84 -7.92 3.07
CA LEU A 28 -8.65 -8.17 1.88
C LEU A 28 -8.83 -9.67 1.66
N VAL A 29 -7.73 -10.41 1.74
CA VAL A 29 -7.77 -11.85 1.57
C VAL A 29 -8.63 -12.48 2.65
N LYS A 30 -8.38 -12.06 3.89
CA LYS A 30 -9.11 -12.57 5.05
C LYS A 30 -10.61 -12.22 4.99
N GLY A 31 -10.94 -11.01 4.53
CA GLY A 31 -12.34 -10.62 4.45
C GLY A 31 -13.14 -11.28 3.34
N MET A 32 -12.48 -11.57 2.22
CA MET A 32 -13.14 -12.21 1.07
C MET A 32 -13.59 -13.63 1.40
N GLY A 33 -12.90 -14.29 2.32
CA GLY A 33 -13.24 -15.65 2.69
C GLY A 33 -14.44 -15.79 3.63
N VAL A 34 -14.73 -14.72 4.37
CA VAL A 34 -15.84 -14.72 5.32
C VAL A 34 -17.21 -14.64 4.65
N SER A 35 -18.18 -15.38 5.19
CA SER A 35 -19.52 -15.38 4.65
C SER A 35 -20.55 -14.67 5.52
N ASP A 36 -20.26 -14.49 6.80
CA ASP A 36 -21.18 -13.79 7.70
C ASP A 36 -21.35 -12.36 7.19
N PRO A 37 -22.60 -11.91 6.98
CA PRO A 37 -22.89 -10.56 6.50
C PRO A 37 -22.24 -9.49 7.38
N ASP A 38 -22.53 -9.58 8.67
CA ASP A 38 -22.01 -8.63 9.64
C ASP A 38 -20.48 -8.57 9.68
N ALA A 39 -19.82 -9.73 9.62
CA ALA A 39 -18.36 -9.74 9.65
C ALA A 39 -17.81 -9.09 8.39
N LYS A 40 -18.52 -9.26 7.27
CA LYS A 40 -18.08 -8.67 6.01
C LYS A 40 -18.12 -7.15 6.05
N LYS A 41 -19.14 -6.59 6.69
CA LYS A 41 -19.26 -5.15 6.79
C LYS A 41 -18.05 -4.61 7.56
N PHE A 42 -17.70 -5.26 8.67
CA PHE A 42 -16.54 -4.85 9.44
C PHE A 42 -15.26 -4.97 8.59
N TYR A 43 -15.16 -6.04 7.82
CA TYR A 43 -13.99 -6.26 6.97
C TYR A 43 -13.83 -5.21 5.88
N ALA A 44 -14.92 -4.83 5.22
CA ALA A 44 -14.86 -3.84 4.14
C ALA A 44 -14.42 -2.48 4.68
N ILE A 45 -15.03 -2.08 5.80
CA ILE A 45 -14.68 -0.82 6.42
C ILE A 45 -13.19 -0.84 6.81
N THR A 46 -12.82 -1.83 7.61
CA THR A 46 -11.45 -1.95 8.10
C THR A 46 -10.36 -2.13 7.03
N THR A 47 -10.72 -2.70 5.89
CA THR A 47 -9.77 -2.90 4.80
C THR A 47 -9.57 -1.55 4.09
N LEU A 48 -10.66 -0.82 3.94
CA LEU A 48 -10.63 0.49 3.29
C LEU A 48 -9.69 1.47 3.97
N VAL A 49 -9.64 1.40 5.30
CA VAL A 49 -8.81 2.29 6.11
C VAL A 49 -7.33 2.31 5.70
N PRO A 50 -6.66 1.14 5.64
CA PRO A 50 -5.25 1.10 5.24
C PRO A 50 -5.07 1.26 3.73
N ALA A 51 -6.12 0.94 2.97
CA ALA A 51 -6.08 1.07 1.53
C ALA A 51 -5.92 2.54 1.20
N ILE A 52 -6.72 3.37 1.87
CA ILE A 52 -6.68 4.83 1.69
C ILE A 52 -5.32 5.35 2.17
N ALA A 53 -4.92 4.96 3.38
CA ALA A 53 -3.62 5.40 3.92
C ALA A 53 -2.50 5.06 2.93
N PHE A 54 -2.58 3.87 2.37
CA PHE A 54 -1.59 3.40 1.40
C PHE A 54 -1.44 4.40 0.25
N THR A 55 -2.56 4.78 -0.35
CA THR A 55 -2.51 5.71 -1.47
C THR A 55 -1.86 7.05 -1.11
N MET A 56 -2.20 7.58 0.06
CA MET A 56 -1.64 8.87 0.46
C MET A 56 -0.17 8.76 0.82
N TYR A 57 0.23 7.65 1.44
CA TYR A 57 1.63 7.45 1.76
C TYR A 57 2.45 7.33 0.48
N LEU A 58 1.95 6.55 -0.49
CA LEU A 58 2.63 6.35 -1.76
C LEU A 58 2.75 7.68 -2.53
N SER A 59 1.68 8.48 -2.49
CA SER A 59 1.69 9.78 -3.17
C SER A 59 2.75 10.71 -2.60
N MET A 60 2.79 10.81 -1.26
CA MET A 60 3.77 11.67 -0.60
C MET A 60 5.17 11.19 -0.93
N LEU A 61 5.33 9.87 -0.99
CA LEU A 61 6.63 9.28 -1.32
C LEU A 61 7.08 9.75 -2.70
N LEU A 62 6.12 9.86 -3.62
CA LEU A 62 6.42 10.29 -4.98
C LEU A 62 6.48 11.80 -5.15
N GLY A 63 6.46 12.52 -4.03
CA GLY A 63 6.55 13.97 -4.09
C GLY A 63 5.26 14.77 -4.13
N TYR A 64 4.13 14.15 -3.83
CA TYR A 64 2.87 14.88 -3.83
C TYR A 64 2.33 15.10 -2.42
N GLY A 65 1.41 16.05 -2.29
CA GLY A 65 0.83 16.35 -1.00
C GLY A 65 1.72 17.18 -0.09
N LEU A 66 2.72 17.82 -0.67
CA LEU A 66 3.63 18.65 0.11
C LEU A 66 3.60 20.06 -0.40
N THR A 67 3.39 21.02 0.49
CA THR A 67 3.37 22.41 0.08
C THR A 67 4.10 23.27 1.11
N MET A 68 4.79 24.30 0.62
CA MET A 68 5.54 25.22 1.48
C MET A 68 4.63 26.33 2.00
N VAL A 69 4.58 26.49 3.31
CA VAL A 69 3.74 27.52 3.90
C VAL A 69 4.62 28.51 4.67
N PRO A 70 4.44 29.82 4.41
CA PRO A 70 5.22 30.85 5.08
C PRO A 70 4.73 31.26 6.46
N PHE A 71 5.66 31.32 7.41
CA PHE A 71 5.41 31.74 8.78
C PHE A 71 6.70 31.60 9.56
N GLY A 72 6.84 32.36 10.64
CA GLY A 72 8.05 32.28 11.44
C GLY A 72 9.30 32.66 10.66
N GLY A 73 9.11 33.34 9.53
CA GLY A 73 10.24 33.77 8.71
C GLY A 73 10.90 32.62 7.97
N GLU A 74 10.14 31.58 7.67
CA GLU A 74 10.68 30.42 6.95
C GLU A 74 9.64 29.80 6.02
N GLN A 75 10.12 29.02 5.06
CA GLN A 75 9.24 28.32 4.13
C GLN A 75 9.12 26.92 4.69
N ASN A 76 8.10 26.71 5.51
CA ASN A 76 7.88 25.43 6.17
C ASN A 76 7.18 24.37 5.33
N PRO A 77 7.79 23.17 5.25
CA PRO A 77 7.24 22.05 4.48
C PRO A 77 6.06 21.40 5.21
N ILE A 78 4.89 21.46 4.59
CA ILE A 78 3.69 20.90 5.18
C ILE A 78 3.05 19.82 4.31
N TYR A 79 2.95 18.59 4.85
CA TYR A 79 2.34 17.49 4.11
C TYR A 79 0.84 17.55 4.30
N TRP A 80 0.14 18.12 3.34
CA TRP A 80 -1.31 18.23 3.45
C TRP A 80 -1.98 16.92 3.09
N ALA A 81 -1.24 16.04 2.41
CA ALA A 81 -1.77 14.75 2.01
C ALA A 81 -2.30 13.98 3.21
N ARG A 82 -1.71 14.21 4.37
CA ARG A 82 -2.13 13.51 5.58
C ARG A 82 -3.60 13.77 5.92
N TYR A 83 -4.08 14.99 5.63
CA TYR A 83 -5.47 15.31 5.97
C TYR A 83 -6.47 14.70 5.01
N ALA A 84 -6.04 14.43 3.77
CA ALA A 84 -6.93 13.82 2.79
C ALA A 84 -7.12 12.36 3.21
N ASP A 85 -6.08 11.82 3.85
CA ASP A 85 -6.09 10.45 4.36
C ASP A 85 -7.02 10.46 5.59
N TRP A 86 -6.61 11.17 6.63
CA TRP A 86 -7.39 11.24 7.86
C TRP A 86 -8.86 11.71 7.73
N LEU A 87 -9.17 12.50 6.70
CA LEU A 87 -10.55 12.97 6.55
C LEU A 87 -11.51 11.80 6.42
N PHE A 88 -11.07 10.74 5.75
CA PHE A 88 -11.89 9.55 5.55
C PHE A 88 -11.52 8.39 6.48
N THR A 89 -10.24 8.28 6.86
CA THR A 89 -9.84 7.15 7.71
C THR A 89 -10.28 7.27 9.16
N THR A 90 -10.21 8.46 9.73
CA THR A 90 -10.60 8.59 11.13
C THR A 90 -12.09 8.32 11.39
N PRO A 91 -12.97 8.80 10.50
CA PRO A 91 -14.40 8.51 10.75
C PRO A 91 -14.72 7.03 10.51
N LEU A 92 -13.98 6.38 9.60
CA LEU A 92 -14.23 4.96 9.35
C LEU A 92 -13.85 4.16 10.60
N LEU A 93 -12.77 4.55 11.27
CA LEU A 93 -12.36 3.87 12.49
C LEU A 93 -13.43 4.06 13.57
N LEU A 94 -14.01 5.26 13.62
CA LEU A 94 -15.06 5.54 14.60
C LEU A 94 -16.30 4.70 14.29
N LEU A 95 -16.57 4.49 13.01
CA LEU A 95 -17.72 3.70 12.55
C LEU A 95 -17.56 2.26 13.04
N ASP A 96 -16.34 1.73 12.91
CA ASP A 96 -16.04 0.36 13.37
C ASP A 96 -16.39 0.26 14.85
N LEU A 97 -15.94 1.23 15.64
CA LEU A 97 -16.21 1.24 17.08
C LEU A 97 -17.71 1.37 17.39
N ALA A 98 -18.39 2.24 16.65
CA ALA A 98 -19.83 2.48 16.83
C ALA A 98 -20.68 1.26 16.49
N LEU A 99 -20.34 0.58 15.40
CA LEU A 99 -21.06 -0.62 15.00
C LEU A 99 -20.84 -1.73 16.02
N LEU A 100 -19.69 -1.69 16.68
CA LEU A 100 -19.32 -2.71 17.67
C LEU A 100 -20.22 -2.68 18.91
N VAL A 101 -20.50 -1.48 19.42
CA VAL A 101 -21.33 -1.35 20.61
C VAL A 101 -22.78 -0.99 20.24
N ASP A 102 -23.07 -1.07 18.94
CA ASP A 102 -24.40 -0.76 18.40
C ASP A 102 -24.90 0.64 18.79
N ALA A 103 -24.02 1.62 18.69
CA ALA A 103 -24.37 3.00 19.02
C ALA A 103 -25.53 3.48 18.17
N ASP A 104 -26.22 4.53 18.64
CA ASP A 104 -27.36 5.11 17.94
C ASP A 104 -26.90 5.96 16.75
N GLN A 105 -27.83 6.19 15.82
CA GLN A 105 -27.54 6.97 14.62
C GLN A 105 -27.11 8.40 14.99
N GLY A 106 -27.79 8.98 15.97
CA GLY A 106 -27.47 10.34 16.38
C GLY A 106 -26.04 10.45 16.86
N THR A 107 -25.60 9.45 17.62
CA THR A 107 -24.25 9.41 18.17
C THR A 107 -23.20 9.36 17.06
N ILE A 108 -23.45 8.51 16.07
CA ILE A 108 -22.54 8.36 14.94
C ILE A 108 -22.42 9.68 14.16
N LEU A 109 -23.55 10.35 13.97
CA LEU A 109 -23.56 11.63 13.24
C LEU A 109 -22.72 12.68 13.95
N ALA A 110 -22.86 12.73 15.28
CA ALA A 110 -22.12 13.70 16.08
C ALA A 110 -20.63 13.40 16.06
N LEU A 111 -20.28 12.13 16.17
CA LEU A 111 -18.86 11.76 16.14
C LEU A 111 -18.21 12.07 14.79
N VAL A 112 -18.91 11.77 13.70
CA VAL A 112 -18.34 12.03 12.37
C VAL A 112 -18.26 13.54 12.13
N GLY A 113 -19.30 14.26 12.56
CA GLY A 113 -19.33 15.70 12.41
C GLY A 113 -18.15 16.29 13.16
N ALA A 114 -17.94 15.83 14.40
CA ALA A 114 -16.83 16.31 15.23
C ALA A 114 -15.50 15.92 14.60
N ASP A 115 -15.46 14.75 13.97
CA ASP A 115 -14.24 14.28 13.33
C ASP A 115 -13.92 15.16 12.12
N GLY A 116 -14.94 15.47 11.34
CA GLY A 116 -14.74 16.34 10.18
C GLY A 116 -14.19 17.67 10.63
N ILE A 117 -14.74 18.20 11.72
CA ILE A 117 -14.27 19.48 12.24
C ILE A 117 -12.80 19.37 12.69
N MET A 118 -12.47 18.28 13.36
CA MET A 118 -11.08 18.08 13.82
C MET A 118 -10.09 18.10 12.65
N ILE A 119 -10.41 17.40 11.57
CA ILE A 119 -9.51 17.34 10.42
C ILE A 119 -9.49 18.64 9.62
N GLY A 120 -10.68 19.23 9.47
CA GLY A 120 -10.81 20.49 8.75
C GLY A 120 -10.04 21.64 9.40
N THR A 121 -10.26 21.86 10.69
CA THR A 121 -9.55 22.94 11.37
C THR A 121 -8.06 22.60 11.52
N GLY A 122 -7.77 21.30 11.59
CA GLY A 122 -6.38 20.88 11.68
C GLY A 122 -5.67 21.32 10.41
N LEU A 123 -6.29 21.06 9.26
CA LEU A 123 -5.73 21.45 7.96
C LEU A 123 -5.66 22.98 7.80
N VAL A 124 -6.71 23.69 8.22
CA VAL A 124 -6.71 25.15 8.14
C VAL A 124 -5.50 25.65 8.93
N GLY A 125 -5.32 25.10 10.12
CA GLY A 125 -4.19 25.50 10.95
C GLY A 125 -2.85 25.19 10.31
N ALA A 126 -2.76 24.05 9.64
CA ALA A 126 -1.51 23.66 8.99
C ALA A 126 -1.18 24.54 7.79
N LEU A 127 -2.16 25.33 7.34
CA LEU A 127 -1.96 26.21 6.18
C LEU A 127 -1.98 27.71 6.53
N THR A 128 -2.27 28.03 7.78
CA THR A 128 -2.32 29.42 8.20
C THR A 128 -0.95 30.10 8.19
N LYS A 129 -0.90 31.31 7.65
CA LYS A 129 0.35 32.06 7.54
C LYS A 129 0.68 32.95 8.73
N VAL A 130 -0.29 33.17 9.61
CA VAL A 130 -0.07 33.97 10.81
C VAL A 130 0.31 32.95 11.88
N TYR A 131 1.59 32.92 12.24
CA TYR A 131 2.10 31.98 13.22
C TYR A 131 1.19 31.70 14.41
N SER A 132 0.87 32.73 15.19
CA SER A 132 0.01 32.52 16.35
C SER A 132 -1.38 31.96 16.02
N TYR A 133 -1.93 32.30 14.85
CA TYR A 133 -3.26 31.79 14.49
C TYR A 133 -3.26 30.31 14.14
N ARG A 134 -2.07 29.76 13.87
CA ARG A 134 -1.95 28.35 13.55
C ARG A 134 -2.39 27.57 14.79
N PHE A 135 -1.95 28.07 15.95
CA PHE A 135 -2.28 27.45 17.23
C PHE A 135 -3.73 27.65 17.68
N VAL A 136 -4.44 28.62 17.10
CA VAL A 136 -5.84 28.78 17.47
C VAL A 136 -6.65 27.66 16.79
N TRP A 137 -6.31 27.37 15.54
CA TRP A 137 -7.00 26.28 14.81
C TRP A 137 -6.66 24.93 15.44
N TRP A 138 -5.40 24.78 15.84
CA TRP A 138 -4.93 23.55 16.50
C TRP A 138 -5.70 23.34 17.81
N ALA A 139 -5.92 24.42 18.55
CA ALA A 139 -6.66 24.37 19.80
C ALA A 139 -8.10 23.92 19.55
N ILE A 140 -8.73 24.49 18.53
CA ILE A 140 -10.11 24.14 18.16
C ILE A 140 -10.17 22.68 17.70
N SER A 141 -9.17 22.25 16.95
CA SER A 141 -9.12 20.88 16.45
C SER A 141 -8.92 19.89 17.60
N THR A 142 -8.08 20.23 18.56
CA THR A 142 -7.85 19.35 19.70
C THR A 142 -9.11 19.23 20.54
N ALA A 143 -9.83 20.33 20.65
CA ALA A 143 -11.07 20.33 21.41
C ALA A 143 -12.07 19.31 20.82
N ALA A 144 -12.20 19.32 19.49
CA ALA A 144 -13.10 18.38 18.82
C ALA A 144 -12.62 16.96 19.06
N MET A 145 -11.29 16.77 19.09
CA MET A 145 -10.73 15.46 19.34
C MET A 145 -11.12 15.02 20.75
N LEU A 146 -11.04 15.95 21.70
CA LEU A 146 -11.39 15.62 23.07
C LEU A 146 -12.87 15.26 23.20
N TYR A 147 -13.72 15.89 22.39
CA TYR A 147 -15.15 15.58 22.43
C TYR A 147 -15.34 14.12 22.01
N ILE A 148 -14.66 13.74 20.92
CA ILE A 148 -14.73 12.39 20.38
C ILE A 148 -14.25 11.36 21.40
N LEU A 149 -13.09 11.63 22.00
CA LEU A 149 -12.54 10.72 23.01
C LEU A 149 -13.44 10.59 24.24
N TYR A 150 -14.07 11.70 24.62
CA TYR A 150 -14.97 11.70 25.76
C TYR A 150 -16.14 10.74 25.45
N VAL A 151 -16.72 10.88 24.27
CA VAL A 151 -17.83 10.05 23.85
C VAL A 151 -17.47 8.56 23.79
N LEU A 152 -16.28 8.24 23.27
CA LEU A 152 -15.89 6.84 23.20
C LEU A 152 -15.65 6.27 24.61
N PHE A 153 -15.09 7.09 25.49
CA PHE A 153 -14.81 6.63 26.86
C PHE A 153 -16.06 6.60 27.73
N PHE A 154 -16.82 7.69 27.75
CA PHE A 154 -18.01 7.73 28.58
C PHE A 154 -19.28 7.20 27.91
N GLY A 155 -19.51 7.54 26.64
CA GLY A 155 -20.70 7.04 25.97
C GLY A 155 -20.63 5.57 25.57
N PHE A 156 -19.72 5.25 24.66
CA PHE A 156 -19.55 3.88 24.16
C PHE A 156 -19.26 2.80 25.19
N THR A 157 -18.31 3.05 26.09
CA THR A 157 -17.99 2.03 27.08
C THR A 157 -19.24 1.63 27.84
N SER A 158 -20.15 2.59 28.03
CA SER A 158 -21.41 2.33 28.71
C SER A 158 -22.26 1.45 27.81
N LYS A 159 -22.27 1.81 26.52
CA LYS A 159 -23.04 1.10 25.51
C LYS A 159 -22.59 -0.36 25.37
N ALA A 160 -21.30 -0.59 25.51
CA ALA A 160 -20.74 -1.93 25.38
C ALA A 160 -21.21 -2.85 26.51
N GLU A 161 -21.85 -2.29 27.52
CA GLU A 161 -22.34 -3.09 28.64
C GLU A 161 -23.62 -3.83 28.32
N SER A 162 -24.13 -3.65 27.11
CA SER A 162 -25.35 -4.34 26.67
C SER A 162 -24.93 -5.55 25.87
N MET A 163 -23.68 -5.55 25.40
CA MET A 163 -23.17 -6.65 24.59
C MET A 163 -22.54 -7.76 25.43
N ARG A 164 -22.29 -8.89 24.77
CA ARG A 164 -21.66 -10.05 25.40
C ARG A 164 -20.27 -9.65 25.88
N PRO A 165 -19.70 -10.40 26.83
CA PRO A 165 -18.38 -10.14 27.39
C PRO A 165 -17.27 -9.97 26.34
N GLU A 166 -17.18 -10.93 25.42
CA GLU A 166 -16.14 -10.87 24.40
C GLU A 166 -16.26 -9.64 23.50
N VAL A 167 -17.49 -9.15 23.29
CA VAL A 167 -17.71 -7.96 22.46
C VAL A 167 -17.27 -6.73 23.28
N ALA A 168 -17.66 -6.67 24.55
CA ALA A 168 -17.28 -5.56 25.41
C ALA A 168 -15.76 -5.56 25.64
N SER A 169 -15.17 -6.75 25.80
CA SER A 169 -13.72 -6.82 26.02
C SER A 169 -12.96 -6.38 24.75
N THR A 170 -13.45 -6.80 23.58
CA THR A 170 -12.79 -6.40 22.33
C THR A 170 -12.88 -4.87 22.18
N PHE A 171 -14.05 -4.31 22.49
CA PHE A 171 -14.22 -2.86 22.40
C PHE A 171 -13.30 -2.10 23.34
N LYS A 172 -13.13 -2.59 24.56
CA LYS A 172 -12.27 -1.93 25.52
C LYS A 172 -10.84 -1.80 25.04
N VAL A 173 -10.32 -2.86 24.44
CA VAL A 173 -8.95 -2.86 23.91
C VAL A 173 -8.82 -1.87 22.75
N LEU A 174 -9.77 -1.91 21.81
CA LEU A 174 -9.75 -0.99 20.68
C LEU A 174 -9.96 0.45 21.15
N ARG A 175 -10.78 0.61 22.18
CA ARG A 175 -11.06 1.93 22.75
C ARG A 175 -9.78 2.48 23.35
N ASN A 176 -9.05 1.61 24.05
CA ASN A 176 -7.78 1.99 24.70
C ASN A 176 -6.67 2.25 23.70
N VAL A 177 -6.67 1.53 22.59
CA VAL A 177 -5.63 1.74 21.59
C VAL A 177 -5.84 3.11 20.95
N THR A 178 -7.09 3.40 20.63
CA THR A 178 -7.49 4.65 20.00
C THR A 178 -7.18 5.87 20.89
N VAL A 179 -7.65 5.83 22.14
CA VAL A 179 -7.41 6.93 23.07
C VAL A 179 -5.91 7.24 23.19
N VAL A 180 -5.09 6.21 23.38
CA VAL A 180 -3.67 6.41 23.51
C VAL A 180 -3.03 6.94 22.23
N LEU A 181 -3.34 6.33 21.10
CA LEU A 181 -2.72 6.78 19.84
C LEU A 181 -3.20 8.13 19.35
N TRP A 182 -4.51 8.34 19.36
CA TRP A 182 -5.07 9.62 18.89
C TRP A 182 -4.63 10.83 19.70
N SER A 183 -4.58 10.69 21.02
CA SER A 183 -4.16 11.80 21.86
C SER A 183 -2.73 12.28 21.50
N ALA A 184 -1.92 11.39 20.95
CA ALA A 184 -0.55 11.75 20.58
C ALA A 184 -0.42 12.63 19.34
N TYR A 185 -1.33 12.51 18.39
CA TYR A 185 -1.23 13.32 17.20
C TYR A 185 -1.10 14.84 17.43
N PRO A 186 -1.99 15.43 18.26
CA PRO A 186 -1.92 16.88 18.51
C PRO A 186 -0.59 17.32 19.11
N VAL A 187 -0.01 16.47 19.94
CA VAL A 187 1.29 16.77 20.54
C VAL A 187 2.36 16.77 19.45
N VAL A 188 2.36 15.75 18.60
CA VAL A 188 3.33 15.69 17.51
C VAL A 188 3.20 16.94 16.61
N TRP A 189 1.96 17.32 16.32
CA TRP A 189 1.67 18.47 15.47
C TRP A 189 2.26 19.73 16.12
N LEU A 190 1.99 19.88 17.41
CA LEU A 190 2.46 21.03 18.17
C LEU A 190 3.98 21.23 18.20
N ILE A 191 4.73 20.16 18.39
CA ILE A 191 6.19 20.25 18.48
C ILE A 191 6.89 20.05 17.14
N GLY A 192 6.14 19.61 16.13
CA GLY A 192 6.72 19.36 14.84
C GLY A 192 6.73 20.54 13.89
N SER A 193 6.87 20.21 12.60
CA SER A 193 6.94 21.18 11.51
C SER A 193 5.71 22.09 11.39
N GLU A 194 4.55 21.58 11.79
CA GLU A 194 3.32 22.37 11.73
C GLU A 194 3.27 23.38 12.88
N GLY A 195 3.93 23.05 13.98
CA GLY A 195 3.90 23.91 15.15
C GLY A 195 5.17 24.65 15.51
N ALA A 196 5.77 24.26 16.63
CA ALA A 196 6.98 24.91 17.13
C ALA A 196 8.27 24.62 16.38
N GLY A 197 8.25 23.69 15.43
CA GLY A 197 9.43 23.38 14.66
C GLY A 197 10.61 22.84 15.46
N ILE A 198 10.32 22.18 16.57
CA ILE A 198 11.36 21.61 17.43
C ILE A 198 11.80 20.25 16.90
N VAL A 199 10.84 19.36 16.67
CA VAL A 199 11.15 18.04 16.13
C VAL A 199 11.27 18.15 14.60
N PRO A 200 12.36 17.60 14.04
CA PRO A 200 12.62 17.63 12.59
C PRO A 200 11.59 16.84 11.77
N LEU A 201 11.30 17.30 10.55
CA LEU A 201 10.34 16.63 9.68
C LEU A 201 10.61 15.12 9.51
N ASN A 202 11.87 14.73 9.36
CA ASN A 202 12.16 13.31 9.21
C ASN A 202 11.70 12.52 10.43
N ILE A 203 12.00 13.01 11.63
CA ILE A 203 11.58 12.34 12.85
C ILE A 203 10.05 12.42 13.01
N GLU A 204 9.50 13.58 12.65
CA GLU A 204 8.05 13.78 12.74
C GLU A 204 7.34 12.76 11.88
N THR A 205 7.87 12.53 10.68
CA THR A 205 7.29 11.58 9.74
C THR A 205 7.36 10.16 10.32
N LEU A 206 8.47 9.86 10.97
CA LEU A 206 8.68 8.56 11.62
C LEU A 206 7.60 8.37 12.70
N LEU A 207 7.32 9.44 13.43
CA LEU A 207 6.32 9.40 14.49
C LEU A 207 4.91 9.19 13.94
N PHE A 208 4.54 9.94 12.92
CA PHE A 208 3.21 9.78 12.34
C PHE A 208 3.05 8.41 11.68
N MET A 209 4.14 7.89 11.12
CA MET A 209 4.07 6.58 10.49
C MET A 209 3.79 5.50 11.54
N VAL A 210 4.48 5.58 12.68
CA VAL A 210 4.29 4.58 13.74
C VAL A 210 2.87 4.63 14.29
N LEU A 211 2.36 5.84 14.50
CA LEU A 211 1.00 6.03 15.02
C LEU A 211 -0.06 5.60 13.98
N ASP A 212 0.18 5.94 12.71
CA ASP A 212 -0.75 5.61 11.64
C ASP A 212 -0.88 4.10 11.44
N VAL A 213 0.25 3.41 11.34
CA VAL A 213 0.24 1.98 11.14
C VAL A 213 -0.46 1.34 12.34
N SER A 214 -0.04 1.74 13.54
CA SER A 214 -0.63 1.22 14.76
C SER A 214 -2.14 1.46 14.83
N ALA A 215 -2.55 2.69 14.54
CA ALA A 215 -3.96 3.05 14.58
C ALA A 215 -4.83 2.39 13.51
N LYS A 216 -4.21 1.89 12.44
CA LYS A 216 -4.96 1.27 11.35
C LYS A 216 -4.73 -0.25 11.21
N VAL A 217 -3.47 -0.65 11.03
CA VAL A 217 -3.18 -2.07 10.90
C VAL A 217 -3.23 -2.77 12.25
N GLY A 218 -2.67 -2.13 13.27
CA GLY A 218 -2.70 -2.71 14.60
C GLY A 218 -4.15 -2.87 15.03
N PHE A 219 -4.89 -1.76 14.96
CA PHE A 219 -6.31 -1.69 15.30
C PHE A 219 -7.07 -2.76 14.50
N GLY A 220 -6.81 -2.78 13.20
CA GLY A 220 -7.44 -3.75 12.31
C GLY A 220 -7.22 -5.20 12.71
N LEU A 221 -5.98 -5.56 13.03
CA LEU A 221 -5.68 -6.94 13.42
C LEU A 221 -6.46 -7.34 14.68
N ILE A 222 -6.44 -6.47 15.68
CA ILE A 222 -7.16 -6.70 16.93
C ILE A 222 -8.64 -6.98 16.66
N LEU A 223 -9.26 -6.08 15.92
CA LEU A 223 -10.69 -6.20 15.60
C LEU A 223 -11.05 -7.40 14.73
N LEU A 224 -10.39 -7.54 13.58
CA LEU A 224 -10.73 -8.63 12.66
C LEU A 224 -10.31 -10.02 13.10
N ARG A 225 -9.50 -10.10 14.16
CA ARG A 225 -9.08 -11.40 14.65
C ARG A 225 -10.05 -11.85 15.74
N SER A 226 -10.94 -10.94 16.14
CA SER A 226 -11.91 -11.22 17.19
C SER A 226 -13.24 -11.81 16.71
N ARG A 227 -13.93 -12.42 17.65
CA ARG A 227 -15.21 -13.09 17.40
C ARG A 227 -16.35 -12.07 17.51
N ALA A 228 -15.99 -10.83 17.84
CA ALA A 228 -16.95 -9.74 18.01
C ALA A 228 -17.58 -9.19 16.73
N ILE A 229 -16.97 -9.47 15.58
CA ILE A 229 -17.49 -8.97 14.32
C ILE A 229 -18.60 -9.85 13.74
N PHE A 230 -18.85 -11.00 14.34
CA PHE A 230 -19.90 -11.90 13.86
C PHE A 230 -21.29 -11.55 14.38
N GLY A 231 -22.27 -11.54 13.48
CA GLY A 231 -23.64 -11.20 13.87
C GLY A 231 -24.31 -12.18 14.81
N THR B 5 3.62 -30.81 3.11
CA THR B 5 2.37 -31.23 2.38
C THR B 5 2.69 -31.63 0.93
N GLY B 6 3.96 -31.49 0.56
CA GLY B 6 4.41 -31.84 -0.77
C GLY B 6 3.49 -31.59 -1.95
N ARG B 7 3.08 -30.34 -2.16
CA ARG B 7 2.21 -30.01 -3.29
C ARG B 7 3.07 -30.08 -4.56
N PRO B 8 2.48 -30.58 -5.67
CA PRO B 8 3.17 -30.71 -6.96
C PRO B 8 4.01 -29.51 -7.42
N GLU B 9 3.54 -28.30 -7.11
CA GLU B 9 4.22 -27.08 -7.53
C GLU B 9 5.40 -26.61 -6.67
N TRP B 10 5.69 -27.28 -5.57
CA TRP B 10 6.77 -26.78 -4.71
C TRP B 10 8.15 -26.70 -5.37
N ILE B 11 8.45 -27.58 -6.30
CA ILE B 11 9.76 -27.55 -6.94
C ILE B 11 9.97 -26.24 -7.69
N TRP B 12 8.91 -25.68 -8.27
CA TRP B 12 9.03 -24.43 -8.99
C TRP B 12 9.12 -23.26 -8.00
N LEU B 13 8.49 -23.40 -6.83
CA LEU B 13 8.56 -22.35 -5.81
C LEU B 13 9.98 -22.34 -5.24
N ALA B 14 10.58 -23.52 -5.15
CA ALA B 14 11.93 -23.69 -4.62
C ALA B 14 12.97 -23.14 -5.60
N LEU B 15 12.71 -23.34 -6.88
CA LEU B 15 13.61 -22.87 -7.92
C LEU B 15 13.49 -21.35 -8.06
N GLY B 16 12.29 -20.83 -7.89
CA GLY B 16 12.09 -19.39 -7.96
C GLY B 16 12.76 -18.73 -6.76
N THR B 17 12.70 -19.42 -5.63
CA THR B 17 13.31 -18.91 -4.40
C THR B 17 14.80 -18.77 -4.63
N ALA B 18 15.42 -19.83 -5.12
CA ALA B 18 16.86 -19.84 -5.36
C ALA B 18 17.31 -18.79 -6.37
N LEU B 19 16.60 -18.63 -7.48
CA LEU B 19 17.03 -17.66 -8.48
C LEU B 19 16.84 -16.22 -8.03
N MET B 20 15.74 -15.98 -7.32
CA MET B 20 15.47 -14.63 -6.82
C MET B 20 16.52 -14.27 -5.79
N GLY B 21 16.90 -15.24 -4.98
CA GLY B 21 17.92 -15.02 -3.96
C GLY B 21 19.29 -14.78 -4.57
N LEU B 22 19.70 -15.63 -5.50
CA LEU B 22 21.00 -15.46 -6.14
C LEU B 22 21.06 -14.10 -6.82
N GLY B 23 20.00 -13.78 -7.56
CA GLY B 23 19.94 -12.50 -8.25
C GLY B 23 20.11 -11.34 -7.29
N THR B 24 19.35 -11.36 -6.20
CA THR B 24 19.41 -10.30 -5.20
C THR B 24 20.84 -10.12 -4.68
N LEU B 25 21.44 -11.20 -4.20
CA LEU B 25 22.80 -11.12 -3.65
C LEU B 25 23.78 -10.51 -4.63
N TYR B 26 23.79 -11.03 -5.86
CA TYR B 26 24.68 -10.53 -6.89
C TYR B 26 24.50 -9.02 -7.13
N PHE B 27 23.25 -8.57 -7.22
CA PHE B 27 22.98 -7.16 -7.44
C PHE B 27 23.44 -6.34 -6.23
N LEU B 28 23.30 -6.95 -5.05
CA LEU B 28 23.69 -6.29 -3.81
C LEU B 28 25.19 -6.06 -3.76
N VAL B 29 25.94 -7.11 -4.09
CA VAL B 29 27.40 -7.03 -4.09
C VAL B 29 27.85 -6.01 -5.13
N LYS B 30 27.28 -6.10 -6.32
CA LYS B 30 27.60 -5.21 -7.42
C LYS B 30 27.21 -3.75 -7.12
N GLY B 31 26.07 -3.55 -6.46
CA GLY B 31 25.65 -2.19 -6.15
C GLY B 31 26.44 -1.50 -5.04
N MET B 32 26.89 -2.29 -4.05
CA MET B 32 27.66 -1.75 -2.93
C MET B 32 29.01 -1.19 -3.37
N GLY B 33 29.56 -1.73 -4.45
CA GLY B 33 30.85 -1.27 -4.95
C GLY B 33 30.81 0.04 -5.72
N VAL B 34 29.65 0.37 -6.28
CA VAL B 34 29.50 1.59 -7.06
C VAL B 34 29.46 2.86 -6.20
N SER B 35 30.08 3.92 -6.71
CA SER B 35 30.13 5.19 -5.99
C SER B 35 29.28 6.28 -6.61
N ASP B 36 28.94 6.15 -7.90
CA ASP B 36 28.10 7.14 -8.56
C ASP B 36 26.74 7.17 -7.86
N PRO B 37 26.28 8.36 -7.43
CA PRO B 37 24.99 8.52 -6.75
C PRO B 37 23.84 7.95 -7.57
N ASP B 38 23.75 8.40 -8.81
CA ASP B 38 22.70 7.96 -9.71
C ASP B 38 22.68 6.45 -9.94
N ALA B 39 23.86 5.85 -10.12
CA ALA B 39 23.92 4.41 -10.35
C ALA B 39 23.45 3.66 -9.09
N LYS B 40 23.74 4.24 -7.93
CA LYS B 40 23.34 3.62 -6.67
C LYS B 40 21.82 3.58 -6.50
N LYS B 41 21.16 4.64 -6.93
CA LYS B 41 19.72 4.71 -6.84
C LYS B 41 19.11 3.58 -7.68
N PHE B 42 19.62 3.40 -8.89
CA PHE B 42 19.14 2.33 -9.76
C PHE B 42 19.42 0.97 -9.11
N TYR B 43 20.59 0.83 -8.51
CA TYR B 43 20.95 -0.43 -7.85
C TYR B 43 20.06 -0.78 -6.66
N ALA B 44 19.73 0.20 -5.83
CA ALA B 44 18.91 -0.05 -4.65
C ALA B 44 17.49 -0.48 -5.07
N ILE B 45 16.93 0.24 -6.03
CA ILE B 45 15.61 -0.08 -6.53
C ILE B 45 15.62 -1.49 -7.11
N THR B 46 16.51 -1.73 -8.08
CA THR B 46 16.61 -3.01 -8.76
C THR B 46 16.96 -4.22 -7.86
N THR B 47 17.67 -3.98 -6.78
CA THR B 47 18.03 -5.05 -5.86
C THR B 47 16.81 -5.42 -5.01
N LEU B 48 16.06 -4.39 -4.62
CA LEU B 48 14.86 -4.56 -3.82
C LEU B 48 13.82 -5.46 -4.50
N VAL B 49 13.71 -5.33 -5.82
CA VAL B 49 12.76 -6.09 -6.61
C VAL B 49 12.83 -7.61 -6.40
N PRO B 50 14.02 -8.22 -6.58
CA PRO B 50 14.15 -9.67 -6.38
C PRO B 50 14.20 -10.04 -4.90
N ALA B 51 14.60 -9.09 -4.07
CA ALA B 51 14.66 -9.32 -2.63
C ALA B 51 13.24 -9.60 -2.15
N ILE B 52 12.31 -8.76 -2.59
CA ILE B 52 10.89 -8.89 -2.24
C ILE B 52 10.35 -10.20 -2.82
N ALA B 53 10.58 -10.43 -4.11
CA ALA B 53 10.13 -11.66 -4.75
C ALA B 53 10.62 -12.88 -3.99
N PHE B 54 11.88 -12.82 -3.57
CA PHE B 54 12.49 -13.89 -2.80
C PHE B 54 11.66 -14.24 -1.57
N THR B 55 11.33 -13.23 -0.78
CA THR B 55 10.57 -13.46 0.43
C THR B 55 9.22 -14.13 0.17
N MET B 56 8.52 -13.67 -0.87
CA MET B 56 7.21 -14.23 -1.19
C MET B 56 7.30 -15.64 -1.75
N TYR B 57 8.34 -15.90 -2.54
CA TYR B 57 8.54 -17.23 -3.08
C TYR B 57 8.86 -18.21 -1.95
N LEU B 58 9.74 -17.79 -1.03
CA LEU B 58 10.12 -18.62 0.11
C LEU B 58 8.91 -18.91 1.01
N SER B 59 8.07 -17.89 1.21
CA SER B 59 6.89 -18.03 2.05
C SER B 59 5.92 -19.06 1.46
N MET B 60 5.65 -18.94 0.17
CA MET B 60 4.74 -19.86 -0.51
C MET B 60 5.30 -21.27 -0.44
N LEU B 61 6.62 -21.39 -0.56
CA LEU B 61 7.29 -22.67 -0.49
C LEU B 61 7.03 -23.32 0.87
N LEU B 62 7.00 -22.50 1.90
CA LEU B 62 6.78 -22.99 3.26
C LEU B 62 5.30 -23.13 3.61
N GLY B 63 4.43 -23.01 2.61
CA GLY B 63 3.01 -23.18 2.84
C GLY B 63 2.17 -21.94 3.15
N TYR B 64 2.71 -20.75 2.92
CA TYR B 64 1.96 -19.53 3.19
C TYR B 64 1.53 -18.83 1.91
N GLY B 65 0.55 -17.95 2.02
CA GLY B 65 0.06 -17.22 0.87
C GLY B 65 -0.85 -18.02 -0.03
N LEU B 66 -1.38 -19.13 0.48
CA LEU B 66 -2.27 -19.97 -0.29
C LEU B 66 -3.62 -20.07 0.39
N THR B 67 -4.68 -19.80 -0.34
CA THR B 67 -6.01 -19.89 0.25
C THR B 67 -6.97 -20.53 -0.75
N MET B 68 -7.92 -21.32 -0.24
CA MET B 68 -8.90 -21.99 -1.07
C MET B 68 -10.10 -21.08 -1.31
N VAL B 69 -10.44 -20.87 -2.58
CA VAL B 69 -11.56 -20.01 -2.92
C VAL B 69 -12.62 -20.84 -3.66
N PRO B 70 -13.89 -20.75 -3.21
CA PRO B 70 -14.97 -21.50 -3.85
C PRO B 70 -15.58 -20.85 -5.09
N PHE B 71 -15.73 -21.65 -6.13
CA PHE B 71 -16.34 -21.24 -7.39
C PHE B 71 -16.27 -22.42 -8.35
N GLY B 72 -17.15 -22.44 -9.34
CA GLY B 72 -17.15 -23.54 -10.29
C GLY B 72 -17.38 -24.90 -9.64
N GLY B 73 -17.92 -24.89 -8.42
CA GLY B 73 -18.19 -26.12 -7.71
C GLY B 73 -16.94 -26.83 -7.22
N GLU B 74 -15.89 -26.06 -6.95
CA GLU B 74 -14.63 -26.63 -6.47
C GLU B 74 -13.92 -25.70 -5.50
N GLN B 75 -13.01 -26.25 -4.72
CA GLN B 75 -12.23 -25.47 -3.77
C GLN B 75 -10.91 -25.21 -4.49
N ASN B 76 -10.84 -24.09 -5.19
CA ASN B 76 -9.67 -23.72 -5.97
C ASN B 76 -8.52 -23.09 -5.18
N PRO B 77 -7.31 -23.64 -5.33
CA PRO B 77 -6.11 -23.15 -4.65
C PRO B 77 -5.61 -21.86 -5.29
N ILE B 78 -5.61 -20.78 -4.52
CA ILE B 78 -5.17 -19.47 -5.00
C ILE B 78 -4.00 -18.91 -4.20
N TYR B 79 -2.87 -18.70 -4.87
CA TYR B 79 -1.70 -18.13 -4.21
C TYR B 79 -1.82 -16.61 -4.19
N TRP B 80 -2.30 -16.06 -3.08
CA TRP B 80 -2.45 -14.62 -2.98
C TRP B 80 -1.13 -13.94 -2.71
N ALA B 81 -0.15 -14.72 -2.25
CA ALA B 81 1.17 -14.18 -1.95
C ALA B 81 1.76 -13.47 -3.15
N ARG B 82 1.40 -13.92 -4.35
CA ARG B 82 1.92 -13.30 -5.56
C ARG B 82 1.57 -11.82 -5.66
N TYR B 83 0.40 -11.44 -5.17
CA TYR B 83 -0.02 -10.04 -5.27
C TYR B 83 0.68 -9.15 -4.26
N ALA B 84 1.11 -9.72 -3.14
CA ALA B 84 1.84 -8.92 -2.13
C ALA B 84 3.22 -8.62 -2.70
N ASP B 85 3.71 -9.54 -3.54
CA ASP B 85 4.98 -9.40 -4.22
C ASP B 85 4.79 -8.32 -5.29
N TRP B 86 3.95 -8.63 -6.28
CA TRP B 86 3.70 -7.70 -7.38
C TRP B 86 3.20 -6.29 -6.99
N LEU B 87 2.54 -6.15 -5.85
CA LEU B 87 2.06 -4.82 -5.45
C LEU B 87 3.21 -3.83 -5.36
N PHE B 88 4.35 -4.31 -4.88
CA PHE B 88 5.54 -3.46 -4.73
C PHE B 88 6.58 -3.66 -5.84
N THR B 89 6.68 -4.86 -6.40
CA THR B 89 7.69 -5.08 -7.42
C THR B 89 7.37 -4.48 -8.78
N THR B 90 6.12 -4.55 -9.21
CA THR B 90 5.80 -3.97 -10.51
C THR B 90 5.99 -2.45 -10.59
N PRO B 91 5.60 -1.70 -9.54
CA PRO B 91 5.80 -0.26 -9.64
C PRO B 91 7.28 0.10 -9.54
N LEU B 92 8.07 -0.71 -8.83
CA LEU B 92 9.51 -0.43 -8.73
C LEU B 92 10.15 -0.60 -10.12
N LEU B 93 9.71 -1.61 -10.87
CA LEU B 93 10.24 -1.83 -12.21
C LEU B 93 9.86 -0.64 -13.10
N LEU B 94 8.65 -0.11 -12.92
CA LEU B 94 8.22 1.04 -13.71
C LEU B 94 9.06 2.26 -13.34
N LEU B 95 9.42 2.37 -12.06
CA LEU B 95 10.23 3.49 -11.58
C LEU B 95 11.59 3.47 -12.25
N ASP B 96 12.18 2.28 -12.35
CA ASP B 96 13.47 2.09 -13.02
C ASP B 96 13.38 2.65 -14.44
N LEU B 97 12.32 2.25 -15.16
CA LEU B 97 12.10 2.70 -16.54
C LEU B 97 11.90 4.22 -16.63
N ALA B 98 11.10 4.76 -15.71
CA ALA B 98 10.79 6.20 -15.65
C ALA B 98 12.03 7.06 -15.35
N LEU B 99 12.86 6.61 -14.42
CA LEU B 99 14.08 7.33 -14.09
C LEU B 99 15.05 7.30 -15.25
N LEU B 100 14.96 6.24 -16.05
CA LEU B 100 15.84 6.06 -17.20
C LEU B 100 15.62 7.10 -18.30
N VAL B 101 14.36 7.38 -18.61
CA VAL B 101 14.04 8.35 -19.65
C VAL B 101 13.71 9.73 -19.04
N ASP B 102 13.94 9.85 -17.74
CA ASP B 102 13.66 11.09 -17.00
C ASP B 102 12.21 11.56 -17.13
N ALA B 103 11.28 10.64 -17.01
CA ALA B 103 9.86 10.94 -17.13
C ALA B 103 9.45 11.97 -16.07
N ASP B 104 8.34 12.65 -16.31
CA ASP B 104 7.82 13.67 -15.40
C ASP B 104 7.15 13.03 -14.18
N GLN B 105 7.02 13.81 -13.11
CA GLN B 105 6.41 13.32 -11.87
C GLN B 105 4.96 12.89 -12.10
N GLY B 106 4.23 13.66 -12.91
CA GLY B 106 2.85 13.33 -13.19
C GLY B 106 2.71 11.96 -13.83
N THR B 107 3.62 11.68 -14.76
CA THR B 107 3.63 10.41 -15.50
C THR B 107 3.86 9.24 -14.54
N ILE B 108 4.82 9.39 -13.64
CA ILE B 108 5.15 8.35 -12.68
C ILE B 108 3.95 8.07 -11.76
N LEU B 109 3.26 9.14 -11.34
CA LEU B 109 2.11 8.99 -10.46
C LEU B 109 1.00 8.20 -11.14
N ALA B 110 0.77 8.51 -12.41
CA ALA B 110 -0.28 7.83 -13.18
C ALA B 110 0.07 6.37 -13.40
N LEU B 111 1.33 6.09 -13.72
CA LEU B 111 1.73 4.71 -13.93
C LEU B 111 1.63 3.88 -12.64
N VAL B 112 2.05 4.44 -11.51
CA VAL B 112 1.98 3.69 -10.26
C VAL B 112 0.52 3.51 -9.82
N GLY B 113 -0.28 4.56 -10.02
CA GLY B 113 -1.69 4.50 -9.70
C GLY B 113 -2.34 3.40 -10.51
N ALA B 114 -2.04 3.37 -11.81
CA ALA B 114 -2.59 2.36 -12.71
C ALA B 114 -2.08 0.98 -12.33
N ASP B 115 -0.84 0.91 -11.86
CA ASP B 115 -0.24 -0.36 -11.45
C ASP B 115 -0.94 -0.88 -10.20
N GLY B 116 -1.19 0.02 -9.25
CA GLY B 116 -1.88 -0.37 -8.03
C GLY B 116 -3.26 -0.91 -8.37
N ILE B 117 -3.94 -0.26 -9.30
CA ILE B 117 -5.26 -0.72 -9.72
C ILE B 117 -5.16 -2.10 -10.37
N MET B 118 -4.17 -2.30 -11.22
CA MET B 118 -3.98 -3.60 -11.87
C MET B 118 -3.82 -4.74 -10.86
N ILE B 119 -2.99 -4.52 -9.84
CA ILE B 119 -2.75 -5.56 -8.84
C ILE B 119 -3.93 -5.73 -7.89
N GLY B 120 -4.53 -4.62 -7.51
CA GLY B 120 -5.69 -4.64 -6.63
C GLY B 120 -6.88 -5.38 -7.21
N THR B 121 -7.29 -5.01 -8.42
CA THR B 121 -8.43 -5.66 -9.06
C THR B 121 -8.07 -7.10 -9.44
N GLY B 122 -6.79 -7.33 -9.73
CA GLY B 122 -6.32 -8.67 -10.04
C GLY B 122 -6.58 -9.56 -8.84
N LEU B 123 -6.19 -9.08 -7.65
CA LEU B 123 -6.39 -9.82 -6.40
C LEU B 123 -7.88 -9.99 -6.06
N VAL B 124 -8.66 -8.93 -6.25
CA VAL B 124 -10.10 -9.01 -5.97
C VAL B 124 -10.67 -10.13 -6.86
N GLY B 125 -10.28 -10.12 -8.12
CA GLY B 125 -10.74 -11.14 -9.03
C GLY B 125 -10.31 -12.55 -8.62
N ALA B 126 -9.09 -12.68 -8.12
CA ALA B 126 -8.58 -13.98 -7.71
C ALA B 126 -9.28 -14.49 -6.46
N LEU B 127 -10.03 -13.62 -5.79
CA LEU B 127 -10.75 -14.01 -4.57
C LEU B 127 -12.27 -14.02 -4.71
N THR B 128 -12.77 -13.59 -5.86
CA THR B 128 -14.21 -13.54 -6.09
C THR B 128 -14.83 -14.94 -6.18
N LYS B 129 -15.96 -15.11 -5.49
CA LYS B 129 -16.64 -16.40 -5.46
C LYS B 129 -17.67 -16.62 -6.56
N VAL B 130 -18.04 -15.55 -7.26
CA VAL B 130 -18.99 -15.66 -8.37
C VAL B 130 -18.10 -15.85 -9.60
N TYR B 131 -18.09 -17.07 -10.13
CA TYR B 131 -17.26 -17.40 -11.28
C TYR B 131 -17.17 -16.33 -12.35
N SER B 132 -18.31 -15.97 -12.96
CA SER B 132 -18.27 -14.96 -14.01
C SER B 132 -17.73 -13.59 -13.56
N TYR B 133 -17.92 -13.22 -12.31
CA TYR B 133 -17.41 -11.92 -11.84
C TYR B 133 -15.89 -11.90 -11.68
N ARG B 134 -15.29 -13.07 -11.63
CA ARG B 134 -13.83 -13.17 -11.53
C ARG B 134 -13.24 -12.55 -12.79
N PHE B 135 -13.88 -12.85 -13.92
CA PHE B 135 -13.45 -12.33 -15.22
C PHE B 135 -13.75 -10.84 -15.45
N VAL B 136 -14.65 -10.27 -14.65
CA VAL B 136 -14.91 -8.84 -14.80
C VAL B 136 -13.73 -8.07 -14.17
N TRP B 137 -13.25 -8.57 -13.03
CA TRP B 137 -12.11 -7.92 -12.36
C TRP B 137 -10.84 -8.11 -13.19
N TRP B 138 -10.71 -9.29 -13.77
CA TRP B 138 -9.57 -9.62 -14.63
C TRP B 138 -9.56 -8.67 -15.84
N ALA B 139 -10.74 -8.41 -16.40
CA ALA B 139 -10.87 -7.51 -17.55
C ALA B 139 -10.44 -6.09 -17.17
N ILE B 140 -10.89 -5.64 -16.00
CA ILE B 140 -10.53 -4.31 -15.50
C ILE B 140 -9.02 -4.22 -15.23
N SER B 141 -8.47 -5.30 -14.67
CA SER B 141 -7.05 -5.35 -14.37
C SER B 141 -6.20 -5.34 -15.64
N THR B 142 -6.65 -6.06 -16.67
CA THR B 142 -5.91 -6.11 -17.93
C THR B 142 -5.95 -4.75 -18.60
N ALA B 143 -7.07 -4.06 -18.47
CA ALA B 143 -7.21 -2.74 -19.05
C ALA B 143 -6.16 -1.79 -18.46
N ALA B 144 -5.99 -1.83 -17.15
CA ALA B 144 -5.00 -0.97 -16.48
C ALA B 144 -3.62 -1.35 -16.97
N MET B 145 -3.40 -2.65 -17.19
CA MET B 145 -2.10 -3.12 -17.69
C MET B 145 -1.87 -2.52 -19.07
N LEU B 146 -2.91 -2.53 -19.90
CA LEU B 146 -2.78 -1.99 -21.24
C LEU B 146 -2.49 -0.49 -21.21
N TYR B 147 -3.03 0.22 -20.23
CA TYR B 147 -2.77 1.66 -20.11
C TYR B 147 -1.27 1.86 -19.86
N ILE B 148 -0.73 1.06 -18.93
CA ILE B 148 0.67 1.13 -18.56
C ILE B 148 1.57 0.83 -19.76
N LEU B 149 1.26 -0.25 -20.48
CA LEU B 149 2.04 -0.63 -21.65
C LEU B 149 1.98 0.43 -22.75
N TYR B 150 0.81 1.05 -22.91
CA TYR B 150 0.64 2.11 -23.91
C TYR B 150 1.59 3.27 -23.56
N VAL B 151 1.58 3.67 -22.30
CA VAL B 151 2.44 4.75 -21.85
C VAL B 151 3.93 4.46 -22.03
N LEU B 152 4.35 3.24 -21.72
CA LEU B 152 5.77 2.91 -21.89
C LEU B 152 6.15 2.88 -23.37
N PHE B 153 5.24 2.40 -24.21
CA PHE B 153 5.52 2.32 -25.64
C PHE B 153 5.39 3.68 -26.35
N PHE B 154 4.29 4.37 -26.12
CA PHE B 154 4.10 5.67 -26.77
C PHE B 154 4.68 6.86 -26.01
N GLY B 155 4.50 6.91 -24.69
CA GLY B 155 5.05 8.02 -23.94
C GLY B 155 6.55 7.97 -23.74
N PHE B 156 7.02 6.97 -23.01
CA PHE B 156 8.45 6.80 -22.72
C PHE B 156 9.40 6.69 -23.90
N THR B 157 9.06 5.86 -24.89
CA THR B 157 9.94 5.72 -26.03
C THR B 157 10.20 7.09 -26.66
N SER B 158 9.20 7.95 -26.60
CA SER B 158 9.33 9.30 -27.13
C SER B 158 10.30 10.06 -26.24
N LYS B 159 10.10 9.90 -24.93
CA LYS B 159 10.92 10.57 -23.92
C LYS B 159 12.40 10.18 -24.02
N ALA B 160 12.65 8.92 -24.37
CA ALA B 160 14.01 8.41 -24.50
C ALA B 160 14.76 9.07 -25.65
N GLU B 161 14.05 9.81 -26.49
CA GLU B 161 14.68 10.47 -27.62
C GLU B 161 15.42 11.74 -27.23
N SER B 162 15.38 12.09 -25.95
CA SER B 162 16.08 13.26 -25.46
C SER B 162 17.42 12.80 -24.87
N MET B 163 17.51 11.51 -24.58
CA MET B 163 18.72 10.95 -24.00
C MET B 163 19.72 10.48 -25.04
N ARG B 164 20.93 10.20 -24.58
CA ARG B 164 22.02 9.72 -25.42
C ARG B 164 21.60 8.38 -26.02
N PRO B 165 22.25 7.98 -27.13
CA PRO B 165 21.95 6.72 -27.82
C PRO B 165 21.96 5.49 -26.93
N GLU B 166 23.03 5.32 -26.15
CA GLU B 166 23.13 4.15 -25.29
C GLU B 166 22.03 4.10 -24.22
N VAL B 167 21.55 5.26 -23.79
CA VAL B 167 20.46 5.32 -22.79
C VAL B 167 19.14 4.93 -23.49
N ALA B 168 18.92 5.48 -24.68
CA ALA B 168 17.71 5.17 -25.45
C ALA B 168 17.73 3.69 -25.88
N SER B 169 18.90 3.18 -26.26
CA SER B 169 18.98 1.78 -26.68
C SER B 169 18.75 0.84 -25.48
N THR B 170 19.30 1.20 -24.31
CA THR B 170 19.08 0.36 -23.12
C THR B 170 17.59 0.36 -22.77
N PHE B 171 16.97 1.53 -22.85
CA PHE B 171 15.54 1.62 -22.55
C PHE B 171 14.68 0.79 -23.50
N LYS B 172 15.01 0.81 -24.78
CA LYS B 172 14.24 0.05 -25.76
C LYS B 172 14.24 -1.45 -25.47
N VAL B 173 15.39 -1.98 -25.08
CA VAL B 173 15.49 -3.40 -24.75
C VAL B 173 14.66 -3.72 -23.49
N LEU B 174 14.79 -2.90 -22.46
CA LEU B 174 14.04 -3.12 -21.22
C LEU B 174 12.55 -2.92 -21.48
N ARG B 175 12.22 -1.98 -22.35
CA ARG B 175 10.84 -1.70 -22.71
C ARG B 175 10.25 -2.92 -23.40
N ASN B 176 11.04 -3.51 -24.31
CA ASN B 176 10.62 -4.69 -25.06
C ASN B 176 10.53 -5.94 -24.19
N VAL B 177 11.38 -6.04 -23.19
CA VAL B 177 11.34 -7.21 -22.32
C VAL B 177 10.06 -7.16 -21.48
N THR B 178 9.78 -5.96 -20.97
CA THR B 178 8.61 -5.72 -20.14
C THR B 178 7.30 -5.96 -20.90
N VAL B 179 7.15 -5.34 -22.07
CA VAL B 179 5.96 -5.52 -22.88
C VAL B 179 5.68 -7.00 -23.15
N VAL B 180 6.70 -7.73 -23.59
CA VAL B 180 6.52 -9.14 -23.88
C VAL B 180 6.19 -9.96 -22.64
N LEU B 181 6.94 -9.77 -21.56
CA LEU B 181 6.67 -10.56 -20.35
C LEU B 181 5.39 -10.22 -19.64
N TRP B 182 5.12 -8.93 -19.45
CA TRP B 182 3.91 -8.49 -18.74
C TRP B 182 2.61 -8.89 -19.44
N SER B 183 2.58 -8.76 -20.76
CA SER B 183 1.37 -9.13 -21.51
C SER B 183 1.00 -10.61 -21.28
N ALA B 184 1.99 -11.44 -20.96
CA ALA B 184 1.72 -12.86 -20.74
C ALA B 184 1.00 -13.19 -19.42
N TYR B 185 1.24 -12.41 -18.39
CA TYR B 185 0.59 -12.70 -17.12
C TYR B 185 -0.94 -12.87 -17.17
N PRO B 186 -1.67 -11.91 -17.80
CA PRO B 186 -3.14 -12.02 -17.87
C PRO B 186 -3.62 -13.28 -18.58
N VAL B 187 -2.86 -13.71 -19.57
CA VAL B 187 -3.19 -14.93 -20.31
C VAL B 187 -3.02 -16.13 -19.37
N VAL B 188 -1.89 -16.19 -18.67
CA VAL B 188 -1.67 -17.28 -17.74
C VAL B 188 -2.78 -17.34 -16.68
N TRP B 189 -3.16 -16.16 -16.17
CA TRP B 189 -4.20 -16.03 -15.15
C TRP B 189 -5.51 -16.60 -15.72
N LEU B 190 -5.85 -16.17 -16.92
CA LEU B 190 -7.07 -16.60 -17.59
C LEU B 190 -7.22 -18.11 -17.79
N ILE B 191 -6.16 -18.78 -18.22
CA ILE B 191 -6.21 -20.22 -18.48
C ILE B 191 -5.82 -21.07 -17.29
N GLY B 192 -5.28 -20.43 -16.27
CA GLY B 192 -4.83 -21.16 -15.10
C GLY B 192 -5.87 -21.35 -14.01
N SER B 193 -5.38 -21.65 -12.81
CA SER B 193 -6.20 -21.89 -11.63
C SER B 193 -7.11 -20.74 -11.23
N GLU B 194 -6.69 -19.52 -11.53
CA GLU B 194 -7.51 -18.35 -11.20
C GLU B 194 -8.67 -18.19 -12.19
N GLY B 195 -8.46 -18.69 -13.41
CA GLY B 195 -9.48 -18.55 -14.45
C GLY B 195 -10.22 -19.80 -14.88
N ALA B 196 -9.96 -20.23 -16.11
CA ALA B 196 -10.63 -21.39 -16.69
C ALA B 196 -10.20 -22.76 -16.16
N GLY B 197 -9.16 -22.81 -15.33
CA GLY B 197 -8.70 -24.07 -14.77
C GLY B 197 -8.24 -25.11 -15.79
N ILE B 198 -7.75 -24.64 -16.93
CA ILE B 198 -7.27 -25.54 -17.98
C ILE B 198 -5.84 -25.97 -17.69
N VAL B 199 -4.95 -25.01 -17.45
CA VAL B 199 -3.56 -25.31 -17.13
C VAL B 199 -3.47 -25.65 -15.64
N PRO B 200 -2.82 -26.77 -15.29
CA PRO B 200 -2.65 -27.22 -13.90
C PRO B 200 -1.78 -26.26 -13.06
N LEU B 201 -2.09 -26.16 -11.76
CA LEU B 201 -1.34 -25.28 -10.86
C LEU B 201 0.19 -25.51 -10.92
N ASN B 202 0.64 -26.76 -11.00
CA ASN B 202 2.07 -26.99 -11.06
C ASN B 202 2.68 -26.33 -12.30
N ILE B 203 2.04 -26.50 -13.46
CA ILE B 203 2.54 -25.89 -14.69
C ILE B 203 2.37 -24.37 -14.63
N GLU B 204 1.27 -23.92 -14.05
CA GLU B 204 1.01 -22.49 -13.94
C GLU B 204 2.11 -21.84 -13.11
N THR B 205 2.51 -22.51 -12.04
CA THR B 205 3.56 -22.02 -11.15
C THR B 205 4.89 -21.94 -11.91
N LEU B 206 5.15 -22.95 -12.75
CA LEU B 206 6.35 -22.99 -13.57
C LEU B 206 6.37 -21.79 -14.51
N LEU B 207 5.20 -21.46 -15.06
CA LEU B 207 5.07 -20.33 -15.98
C LEU B 207 5.30 -19.00 -15.26
N PHE B 208 4.68 -18.81 -14.12
CA PHE B 208 4.87 -17.55 -13.39
C PHE B 208 6.31 -17.41 -12.90
N MET B 209 6.94 -18.55 -12.56
CA MET B 209 8.32 -18.48 -12.10
C MET B 209 9.23 -18.02 -13.24
N VAL B 210 9.04 -18.57 -14.43
CA VAL B 210 9.87 -18.19 -15.58
C VAL B 210 9.70 -16.71 -15.92
N LEU B 211 8.46 -16.24 -15.91
CA LEU B 211 8.18 -14.83 -16.21
C LEU B 211 8.70 -13.90 -15.10
N ASP B 212 8.55 -14.31 -13.84
CA ASP B 212 8.98 -13.52 -12.70
C ASP B 212 10.49 -13.33 -12.68
N VAL B 213 11.22 -14.44 -12.82
CA VAL B 213 12.67 -14.39 -12.81
C VAL B 213 13.12 -13.51 -13.98
N SER B 214 12.58 -13.80 -15.16
CA SER B 214 12.92 -13.02 -16.35
C SER B 214 12.63 -11.53 -16.18
N ALA B 215 11.44 -11.22 -15.68
CA ALA B 215 11.03 -9.83 -15.49
C ALA B 215 11.80 -9.09 -14.40
N LYS B 216 12.45 -9.81 -13.51
CA LYS B 216 13.19 -9.18 -12.41
C LYS B 216 14.71 -9.35 -12.50
N VAL B 217 15.18 -10.60 -12.54
CA VAL B 217 16.62 -10.84 -12.63
C VAL B 217 17.12 -10.59 -14.04
N GLY B 218 16.37 -11.03 -15.05
CA GLY B 218 16.76 -10.80 -16.42
C GLY B 218 16.82 -9.30 -16.66
N PHE B 219 15.72 -8.63 -16.34
CA PHE B 219 15.56 -7.19 -16.48
C PHE B 219 16.71 -6.49 -15.74
N GLY B 220 16.90 -6.91 -14.49
CA GLY B 220 17.95 -6.36 -13.66
C GLY B 220 19.34 -6.45 -14.27
N LEU B 221 19.70 -7.62 -14.79
CA LEU B 221 21.02 -7.81 -15.40
C LEU B 221 21.23 -6.86 -16.58
N ILE B 222 20.23 -6.78 -17.45
CA ILE B 222 20.27 -5.90 -18.61
C ILE B 222 20.54 -4.46 -18.19
N LEU B 223 19.74 -3.97 -17.25
CA LEU B 223 19.84 -2.60 -16.77
C LEU B 223 21.14 -2.30 -16.02
N LEU B 224 21.46 -3.08 -15.00
CA LEU B 224 22.63 -2.82 -14.18
C LEU B 224 23.98 -3.10 -14.85
N ARG B 225 23.94 -3.76 -16.01
CA ARG B 225 25.18 -4.06 -16.71
C ARG B 225 25.45 -2.94 -17.71
N SER B 226 24.46 -2.06 -17.87
CA SER B 226 24.57 -0.94 -18.81
C SER B 226 25.19 0.33 -18.24
N ARG B 227 25.65 1.18 -19.14
CA ARG B 227 26.29 2.45 -18.81
C ARG B 227 25.23 3.54 -18.64
N ALA B 228 23.97 3.17 -18.85
CA ALA B 228 22.84 4.08 -18.75
C ALA B 228 22.46 4.52 -17.35
N ILE B 229 22.89 3.77 -16.32
CA ILE B 229 22.54 4.12 -14.95
C ILE B 229 23.46 5.18 -14.34
N PHE B 230 24.52 5.56 -15.06
CA PHE B 230 25.44 6.58 -14.55
C PHE B 230 24.99 8.01 -14.84
N GLY B 231 25.06 8.86 -13.82
CA GLY B 231 24.64 10.24 -13.97
C GLY B 231 25.46 11.08 -14.94
#